data_9FPW
#
_entry.id   9FPW
#
_cell.length_a   55.466
_cell.length_b   58.389
_cell.length_c   160.687
_cell.angle_alpha   90.000
_cell.angle_beta   90.000
_cell.angle_gamma   90.000
#
_symmetry.space_group_name_H-M   'P 21 21 21'
#
loop_
_entity.id
_entity.type
_entity.pdbx_description
1 polymer 'Carbonic anhydrase 13'
2 non-polymer 'ZINC ION'
3 non-polymer 'methyl 4-(2-phenylethylsulfanyl)-3-sulfamoyl-benzoate'
4 non-polymer 'SODIUM ION'
5 water water
#
_entity_poly.entity_id   1
_entity_poly.type   'polypeptide(L)'
_entity_poly.pdbx_seq_one_letter_code
;MMSRLSWGYREHNGPIHWKEFFPIADGDQQSPIEIKTKEVKYDSSLRPLSIKYDPSSAKIISNSGHSFNVDFDDTENKSV
LRGGPLTGSYRLRQVHLHWGSADDHGSEHIVDGVSYAAELHVVHWNSDKYPSFVEAAHEPDGLAVLGVFLQIGEPNSQLQ
KITDTLDSIKEKGKQTRFTNFDLLSLLPPSWDYWTYPGSLTVPPLLESVTWIVLKQPINISSQQLAKFRSLLCTAEGEAA
AFLVSNHRPPQPLKGRKVRASFH
;
_entity_poly.pdbx_strand_id   B,A
#
# COMPACT_ATOMS: atom_id res chain seq x y z
N SER A 6 24.10 -17.36 27.27
CA SER A 6 23.04 -16.96 26.29
C SER A 6 23.68 -16.40 25.02
N TRP A 7 22.98 -16.60 23.90
CA TRP A 7 23.46 -16.23 22.58
C TRP A 7 23.61 -14.71 22.44
N GLY A 8 24.46 -14.29 21.49
CA GLY A 8 24.72 -12.87 21.23
C GLY A 8 25.52 -12.71 19.93
N TYR A 9 26.35 -11.66 19.84
CA TYR A 9 27.12 -11.39 18.64
C TYR A 9 28.60 -11.18 18.98
N ARG A 10 29.03 -11.69 20.14
CA ARG A 10 30.41 -11.55 20.58
C ARG A 10 31.19 -12.81 20.20
N GLU A 11 32.50 -12.82 20.48
CA GLU A 11 33.36 -13.89 19.99
C GLU A 11 32.83 -15.26 20.41
N HIS A 12 32.45 -15.39 21.68
CA HIS A 12 32.20 -16.70 22.26
C HIS A 12 30.75 -17.11 22.08
N ASN A 13 29.84 -16.16 21.85
CA ASN A 13 28.42 -16.49 21.81
C ASN A 13 27.78 -16.15 20.45
N GLY A 14 28.62 -15.85 19.45
CA GLY A 14 28.18 -15.22 18.21
C GLY A 14 27.66 -16.20 17.14
N PRO A 15 27.19 -15.68 15.99
CA PRO A 15 26.60 -16.52 14.96
C PRO A 15 27.24 -17.89 14.72
N ILE A 16 28.58 -17.95 14.72
CA ILE A 16 29.23 -19.19 14.33
C ILE A 16 28.98 -20.28 15.38
N HIS A 17 28.57 -19.88 16.59
CA HIS A 17 28.38 -20.79 17.71
C HIS A 17 26.90 -21.09 17.98
N TRP A 18 25.98 -20.45 17.24
CA TRP A 18 24.58 -20.58 17.57
C TRP A 18 24.11 -22.03 17.45
N LYS A 19 24.73 -22.74 16.50
CA LYS A 19 24.35 -24.09 16.14
C LYS A 19 24.61 -25.08 17.26
N GLU A 20 25.44 -24.71 18.25
CA GLU A 20 25.70 -25.55 19.41
C GLU A 20 24.41 -25.69 20.22
N PHE A 21 23.70 -24.55 20.41
CA PHE A 21 22.50 -24.46 21.23
C PHE A 21 21.22 -24.61 20.38
N PHE A 22 21.26 -24.18 19.10
CA PHE A 22 20.08 -24.21 18.26
C PHE A 22 20.41 -24.94 16.97
N PRO A 23 20.25 -26.28 16.94
CA PRO A 23 20.60 -27.12 15.78
C PRO A 23 20.08 -26.69 14.40
N ILE A 24 18.90 -26.04 14.37
CA ILE A 24 18.32 -25.68 13.09
C ILE A 24 19.17 -24.60 12.40
N ALA A 25 20.16 -24.07 13.12
CA ALA A 25 21.13 -23.15 12.55
C ALA A 25 21.74 -23.70 11.25
N ASP A 26 21.77 -25.04 11.12
CA ASP A 26 22.39 -25.72 9.99
C ASP A 26 21.34 -26.22 9.00
N GLY A 27 20.11 -25.69 9.08
CA GLY A 27 18.99 -26.16 8.27
C GLY A 27 19.09 -25.76 6.79
N ASP A 28 18.14 -26.21 5.98
CA ASP A 28 18.13 -25.95 4.54
C ASP A 28 17.34 -24.69 4.19
N GLN A 29 16.74 -24.03 5.17
CA GLN A 29 16.04 -22.79 4.83
C GLN A 29 16.43 -21.65 5.78
N GLN A 30 17.73 -21.38 5.86
CA GLN A 30 18.25 -20.38 6.80
C GLN A 30 18.38 -19.01 6.13
N SER A 31 18.27 -17.96 6.94
CA SER A 31 18.32 -16.58 6.49
C SER A 31 19.38 -15.85 7.30
N PRO A 32 19.99 -14.72 6.83
CA PRO A 32 19.70 -14.08 5.53
C PRO A 32 20.49 -14.75 4.40
N ILE A 33 20.36 -14.21 3.19
CA ILE A 33 21.06 -14.76 2.03
C ILE A 33 21.68 -13.63 1.21
N GLU A 34 22.53 -14.04 0.25
CA GLU A 34 23.00 -13.20 -0.84
C GLU A 34 21.95 -13.20 -1.95
N ILE A 35 21.52 -12.01 -2.36
CA ILE A 35 20.55 -11.90 -3.43
C ILE A 35 21.36 -11.54 -4.67
N LYS A 36 21.49 -12.50 -5.60
CA LYS A 36 22.16 -12.20 -6.86
C LYS A 36 21.10 -11.87 -7.91
N THR A 37 21.03 -10.59 -8.26
CA THR A 37 19.92 -10.03 -9.02
C THR A 37 19.76 -10.71 -10.37
N LYS A 38 20.87 -11.07 -11.02
CA LYS A 38 20.83 -11.66 -12.35
C LYS A 38 20.32 -13.10 -12.29
N GLU A 39 20.25 -13.70 -11.08
CA GLU A 39 19.77 -15.07 -10.98
C GLU A 39 18.32 -15.13 -10.50
N VAL A 40 17.81 -14.03 -9.96
CA VAL A 40 16.46 -14.03 -9.41
C VAL A 40 15.48 -14.08 -10.57
N LYS A 41 14.33 -14.74 -10.37
CA LYS A 41 13.38 -14.78 -11.46
C LYS A 41 12.17 -13.88 -11.16
N TYR A 42 11.80 -13.10 -12.17
CA TYR A 42 10.57 -12.33 -12.15
C TYR A 42 9.37 -13.27 -12.19
N ASP A 43 8.46 -13.14 -11.20
CA ASP A 43 7.27 -13.97 -11.16
C ASP A 43 6.02 -13.08 -11.29
N SER A 44 5.42 -13.13 -12.47
CA SER A 44 4.21 -12.38 -12.81
C SER A 44 3.01 -12.84 -11.97
N SER A 45 3.14 -13.95 -11.24
CA SER A 45 2.06 -14.41 -10.40
C SER A 45 2.12 -13.77 -9.00
N LEU A 46 3.25 -13.11 -8.66
CA LEU A 46 3.39 -12.39 -7.39
C LEU A 46 2.42 -11.20 -7.39
N ARG A 47 1.95 -10.79 -6.20
CA ARG A 47 1.03 -9.67 -6.12
C ARG A 47 1.71 -8.47 -5.46
N PRO A 48 1.17 -7.25 -5.69
CA PRO A 48 1.65 -6.03 -5.03
C PRO A 48 1.45 -6.11 -3.52
N LEU A 49 2.40 -5.51 -2.78
CA LEU A 49 2.24 -5.38 -1.34
C LEU A 49 1.14 -4.36 -1.06
N SER A 50 0.30 -4.69 -0.07
CA SER A 50 -0.73 -3.79 0.38
C SER A 50 -0.55 -3.65 1.89
N ILE A 51 -0.22 -2.44 2.36
CA ILE A 51 0.19 -2.25 3.75
C ILE A 51 -0.74 -1.25 4.42
N LYS A 52 -1.18 -1.57 5.64
CA LYS A 52 -1.85 -0.58 6.44
C LYS A 52 -1.29 -0.67 7.86
N TYR A 53 -0.60 0.42 8.28
CA TYR A 53 0.05 0.49 9.59
C TYR A 53 -0.51 1.68 10.35
N ASP A 54 -1.33 1.40 11.37
CA ASP A 54 -1.96 2.42 12.21
C ASP A 54 -0.89 3.00 13.15
N PRO A 55 -0.68 4.33 13.18
CA PRO A 55 0.31 4.92 14.09
C PRO A 55 -0.05 4.71 15.57
N SER A 56 -1.33 4.45 15.87
CA SER A 56 -1.71 4.12 17.25
C SER A 56 -1.36 2.69 17.67
N SER A 57 -0.82 1.88 16.76
CA SER A 57 -0.51 0.50 17.11
C SER A 57 0.72 0.36 18.01
N ALA A 58 1.74 1.19 17.79
CA ALA A 58 3.00 1.09 18.54
C ALA A 58 2.74 1.40 20.00
N LYS A 59 3.37 0.66 20.92
CA LYS A 59 3.13 0.92 22.34
C LYS A 59 4.40 1.20 23.15
N ILE A 60 5.46 0.42 22.88
CA ILE A 60 6.62 0.29 23.74
C ILE A 60 7.87 0.18 22.87
N ILE A 61 8.95 0.85 23.27
CA ILE A 61 10.27 0.57 22.72
C ILE A 61 11.14 0.00 23.83
N SER A 62 11.91 -1.03 23.49
CA SER A 62 12.75 -1.69 24.50
C SER A 62 14.10 -2.10 23.92
N ASN A 63 15.06 -2.30 24.83
CA ASN A 63 16.33 -2.91 24.49
C ASN A 63 16.24 -4.39 24.87
N SER A 64 16.24 -5.27 23.86
CA SER A 64 16.24 -6.71 24.08
C SER A 64 17.63 -7.22 24.46
N GLY A 65 18.67 -6.40 24.28
CA GLY A 65 20.04 -6.87 24.39
C GLY A 65 20.63 -7.26 23.04
N HIS A 66 19.75 -7.39 22.02
CA HIS A 66 20.11 -7.79 20.67
C HIS A 66 19.74 -6.73 19.60
N SER A 67 18.85 -5.79 19.94
CA SER A 67 18.48 -4.66 19.10
C SER A 67 17.58 -3.79 19.95
N PHE A 68 17.09 -2.66 19.43
CA PHE A 68 15.87 -2.15 20.01
C PHE A 68 14.71 -2.94 19.40
N ASN A 69 13.56 -2.92 20.08
CA ASN A 69 12.34 -3.60 19.66
C ASN A 69 11.17 -2.64 19.87
N VAL A 70 10.51 -2.23 18.79
CA VAL A 70 9.25 -1.51 18.95
C VAL A 70 8.14 -2.57 18.95
N ASP A 71 7.34 -2.59 20.03
CA ASP A 71 6.26 -3.56 20.19
C ASP A 71 4.92 -2.91 19.84
N PHE A 72 4.09 -3.63 19.08
CA PHE A 72 2.80 -3.17 18.60
C PHE A 72 1.68 -4.03 19.20
N ASP A 73 0.54 -3.40 19.48
CA ASP A 73 -0.64 -4.11 19.96
C ASP A 73 -1.18 -4.97 18.83
N ASP A 74 -1.00 -6.30 18.94
CA ASP A 74 -1.48 -7.25 17.94
C ASP A 74 -2.72 -8.00 18.46
N THR A 75 -3.53 -7.34 19.30
CA THR A 75 -4.86 -7.79 19.72
C THR A 75 -5.80 -7.94 18.53
N GLU A 76 -5.83 -6.94 17.64
CA GLU A 76 -6.68 -7.08 16.45
C GLU A 76 -5.92 -6.61 15.20
N ASN A 77 -6.65 -6.38 14.12
CA ASN A 77 -6.14 -6.18 12.78
C ASN A 77 -6.09 -4.73 12.33
N LYS A 78 -5.69 -3.81 13.22
CA LYS A 78 -5.51 -2.42 12.82
C LYS A 78 -4.28 -2.27 11.91
N SER A 79 -3.25 -3.09 12.13
CA SER A 79 -2.02 -2.96 11.36
C SER A 79 -1.63 -4.29 10.70
N VAL A 80 -1.63 -4.31 9.35
CA VAL A 80 -1.56 -5.56 8.59
C VAL A 80 -0.74 -5.38 7.31
N LEU A 81 -0.18 -6.50 6.87
CA LEU A 81 0.42 -6.68 5.56
C LEU A 81 -0.36 -7.73 4.79
N ARG A 82 -0.68 -7.43 3.52
CA ARG A 82 -1.46 -8.28 2.65
C ARG A 82 -0.73 -8.26 1.31
N GLY A 83 -1.04 -9.21 0.42
CA GLY A 83 -0.48 -9.14 -0.91
C GLY A 83 0.91 -9.75 -0.97
N GLY A 84 1.71 -9.25 -1.89
CA GLY A 84 3.00 -9.85 -2.10
C GLY A 84 2.86 -11.34 -2.38
N PRO A 85 3.73 -12.17 -1.78
CA PRO A 85 3.67 -13.63 -1.94
C PRO A 85 2.72 -14.31 -0.96
N LEU A 86 2.09 -13.53 -0.07
CA LEU A 86 1.34 -14.03 1.07
C LEU A 86 -0.08 -14.45 0.67
N THR A 87 -0.56 -15.53 1.29
CA THR A 87 -1.99 -15.81 1.30
C THR A 87 -2.60 -15.24 2.59
N GLY A 88 -3.61 -14.38 2.44
CA GLY A 88 -4.33 -13.87 3.61
C GLY A 88 -3.62 -12.69 4.29
N SER A 89 -3.94 -12.44 5.58
CA SER A 89 -3.55 -11.20 6.22
C SER A 89 -2.53 -11.46 7.33
N TYR A 90 -1.44 -10.72 7.36
CA TYR A 90 -0.43 -10.92 8.40
C TYR A 90 -0.39 -9.68 9.30
N ARG A 91 -0.45 -9.92 10.60
CA ARG A 91 -0.65 -8.87 11.57
C ARG A 91 0.72 -8.42 12.10
N LEU A 92 0.91 -7.09 12.17
CA LEU A 92 2.13 -6.45 12.68
C LEU A 92 2.38 -6.78 14.14
N ARG A 93 3.61 -7.21 14.42
CA ARG A 93 4.01 -7.61 15.76
C ARG A 93 5.12 -6.68 16.30
N GLN A 94 6.20 -6.51 15.54
CA GLN A 94 7.39 -5.84 16.06
C GLN A 94 8.30 -5.31 14.95
N VAL A 95 9.12 -4.30 15.29
CA VAL A 95 10.13 -3.75 14.40
C VAL A 95 11.44 -3.73 15.17
N HIS A 96 12.54 -4.11 14.49
CA HIS A 96 13.87 -3.95 15.03
C HIS A 96 14.83 -3.62 13.88
N LEU A 97 16.11 -3.38 14.19
CA LEU A 97 17.11 -2.99 13.19
C LEU A 97 18.37 -3.85 13.37
N HIS A 98 19.07 -4.13 12.26
CA HIS A 98 20.40 -4.72 12.34
C HIS A 98 21.41 -3.74 11.73
N TRP A 99 22.62 -3.78 12.27
CA TRP A 99 23.75 -2.96 11.83
C TRP A 99 25.03 -3.76 12.08
N GLY A 100 26.15 -3.19 11.61
CA GLY A 100 27.46 -3.77 11.88
C GLY A 100 28.34 -2.70 12.53
N SER A 101 29.62 -3.02 12.74
CA SER A 101 30.51 -2.08 13.40
C SER A 101 30.97 -1.02 12.40
N ALA A 102 30.84 -1.30 11.09
CA ALA A 102 31.22 -0.36 10.04
C ALA A 102 30.01 -0.03 9.16
N ASP A 103 29.95 1.23 8.68
CA ASP A 103 28.85 1.69 7.83
C ASP A 103 28.77 1.02 6.45
N ASP A 104 29.77 0.24 6.03
CA ASP A 104 29.67 -0.35 4.68
C ASP A 104 29.35 -1.86 4.76
N HIS A 105 29.04 -2.34 5.97
CA HIS A 105 28.85 -3.76 6.20
C HIS A 105 27.90 -4.00 7.37
N GLY A 106 26.63 -3.57 7.23
CA GLY A 106 25.70 -3.66 8.34
C GLY A 106 24.44 -4.47 8.08
N SER A 107 24.08 -4.68 6.81
CA SER A 107 22.79 -5.33 6.52
C SER A 107 22.90 -6.84 6.65
N GLU A 108 21.76 -7.54 6.79
CA GLU A 108 21.84 -8.99 6.84
C GLU A 108 21.81 -9.55 5.41
N HIS A 109 20.81 -9.14 4.63
CA HIS A 109 20.75 -9.44 3.20
C HIS A 109 21.80 -8.61 2.46
N ILE A 110 22.38 -9.20 1.40
CA ILE A 110 23.44 -8.57 0.63
C ILE A 110 22.99 -8.63 -0.83
N VAL A 111 23.06 -7.51 -1.54
CA VAL A 111 22.58 -7.47 -2.91
C VAL A 111 23.77 -7.28 -3.85
N ASP A 112 24.10 -8.34 -4.59
CA ASP A 112 25.20 -8.36 -5.56
C ASP A 112 26.49 -7.90 -4.90
N GLY A 113 26.72 -8.44 -3.70
CA GLY A 113 27.92 -8.17 -2.93
C GLY A 113 27.79 -6.92 -2.07
N VAL A 114 26.73 -6.12 -2.28
CA VAL A 114 26.66 -4.83 -1.60
C VAL A 114 25.93 -5.00 -0.28
N SER A 115 26.61 -4.64 0.81
CA SER A 115 26.00 -4.56 2.13
C SER A 115 25.64 -3.12 2.42
N TYR A 116 24.45 -2.94 2.98
CA TYR A 116 23.95 -1.62 3.29
C TYR A 116 24.47 -1.29 4.68
N ALA A 117 24.29 -0.04 5.10
CA ALA A 117 24.64 0.41 6.45
C ALA A 117 23.82 -0.33 7.50
N ALA A 118 22.56 -0.67 7.18
CA ALA A 118 21.74 -1.28 8.21
C ALA A 118 20.50 -1.89 7.55
N GLU A 119 19.67 -2.59 8.34
CA GLU A 119 18.51 -3.24 7.75
C GLU A 119 17.40 -3.27 8.81
N LEU A 120 16.24 -2.68 8.47
CA LEU A 120 15.06 -2.66 9.32
C LEU A 120 14.20 -3.87 8.99
N HIS A 121 13.75 -4.61 10.03
CA HIS A 121 12.88 -5.77 9.89
C HIS A 121 11.54 -5.48 10.53
N VAL A 122 10.47 -5.65 9.74
CA VAL A 122 9.10 -5.47 10.24
C VAL A 122 8.47 -6.87 10.30
N VAL A 123 8.17 -7.36 11.51
CA VAL A 123 7.80 -8.75 11.71
C VAL A 123 6.27 -8.90 11.83
N HIS A 124 5.70 -9.81 11.05
CA HIS A 124 4.25 -10.01 11.07
C HIS A 124 3.91 -11.51 11.18
N TRP A 125 2.69 -11.83 11.66
CA TRP A 125 2.25 -13.23 11.76
C TRP A 125 0.85 -13.45 11.14
N ASN A 126 0.63 -14.69 10.73
CA ASN A 126 -0.51 -15.12 9.96
C ASN A 126 -1.70 -15.37 10.87
N SER A 127 -2.51 -14.33 11.08
CA SER A 127 -3.66 -14.34 11.97
C SER A 127 -4.86 -14.99 11.29
N ASP A 128 -4.80 -15.16 9.97
CA ASP A 128 -5.83 -15.85 9.21
C ASP A 128 -5.77 -17.36 9.42
N LYS A 129 -4.62 -17.89 9.90
CA LYS A 129 -4.48 -19.32 10.02
C LYS A 129 -4.11 -19.74 11.44
N TYR A 130 -3.43 -18.87 12.22
CA TYR A 130 -2.94 -19.22 13.53
C TYR A 130 -3.55 -18.35 14.61
N PRO A 131 -3.78 -18.87 15.82
CA PRO A 131 -4.37 -18.05 16.89
C PRO A 131 -3.46 -16.99 17.55
N SER A 132 -2.14 -17.17 17.44
CA SER A 132 -1.20 -16.31 18.16
C SER A 132 0.13 -16.29 17.44
N PHE A 133 0.93 -15.25 17.71
CA PHE A 133 2.29 -15.15 17.17
C PHE A 133 3.07 -16.44 17.50
N VAL A 134 2.99 -16.90 18.75
CA VAL A 134 3.73 -18.06 19.22
C VAL A 134 3.41 -19.30 18.38
N GLU A 135 2.11 -19.56 18.11
CA GLU A 135 1.75 -20.73 17.32
C GLU A 135 2.21 -20.54 15.86
N ALA A 136 2.04 -19.31 15.32
CA ALA A 136 2.45 -19.02 13.94
C ALA A 136 3.97 -19.16 13.74
N ALA A 137 4.73 -18.81 14.77
CA ALA A 137 6.19 -18.79 14.66
C ALA A 137 6.74 -20.18 14.31
N HIS A 138 5.96 -21.25 14.55
CA HIS A 138 6.37 -22.64 14.40
C HIS A 138 5.84 -23.30 13.14
N GLU A 139 5.27 -22.52 12.22
CA GLU A 139 4.72 -23.09 11.00
C GLU A 139 5.42 -22.47 9.80
N PRO A 140 5.58 -23.19 8.65
CA PRO A 140 6.31 -22.68 7.51
C PRO A 140 5.71 -21.44 6.88
N ASP A 141 4.39 -21.25 7.06
CA ASP A 141 3.72 -20.10 6.51
C ASP A 141 3.32 -19.17 7.66
N GLY A 142 4.01 -19.28 8.79
CA GLY A 142 3.57 -18.57 9.99
C GLY A 142 3.88 -17.06 10.00
N LEU A 143 5.07 -16.69 9.50
CA LEU A 143 5.59 -15.34 9.74
C LEU A 143 5.94 -14.70 8.41
N ALA A 144 5.87 -13.35 8.37
CA ALA A 144 6.35 -12.63 7.20
C ALA A 144 7.19 -11.46 7.70
N VAL A 145 8.39 -11.33 7.15
CA VAL A 145 9.20 -10.22 7.62
C VAL A 145 9.51 -9.35 6.41
N LEU A 146 9.18 -8.06 6.54
CA LEU A 146 9.52 -7.07 5.52
C LEU A 146 10.88 -6.49 5.88
N GLY A 147 11.84 -6.55 4.93
CA GLY A 147 13.17 -5.99 5.11
C GLY A 147 13.35 -4.69 4.35
N VAL A 148 13.89 -3.66 5.03
CA VAL A 148 14.16 -2.39 4.38
C VAL A 148 15.64 -2.09 4.61
N PHE A 149 16.38 -1.85 3.53
CA PHE A 149 17.77 -1.41 3.67
C PHE A 149 17.86 0.08 3.99
N LEU A 150 18.89 0.43 4.80
CA LEU A 150 19.25 1.81 5.10
C LEU A 150 20.63 2.06 4.49
N GLN A 151 20.75 3.13 3.70
CA GLN A 151 22.02 3.59 3.15
C GLN A 151 22.44 4.93 3.77
N ILE A 152 23.77 5.12 3.92
CA ILE A 152 24.34 6.34 4.47
C ILE A 152 24.03 7.51 3.52
N GLY A 153 23.51 8.58 4.10
CA GLY A 153 23.30 9.82 3.38
C GLY A 153 22.86 10.93 4.33
N GLU A 154 21.90 11.72 3.87
CA GLU A 154 21.28 12.79 4.62
C GLU A 154 20.58 12.17 5.84
N PRO A 155 20.48 12.91 6.98
CA PRO A 155 19.78 12.38 8.15
C PRO A 155 18.31 12.17 7.79
N ASN A 156 17.69 11.21 8.48
CA ASN A 156 16.33 10.82 8.15
C ASN A 156 15.47 11.28 9.31
N SER A 157 14.58 12.26 9.05
CA SER A 157 13.75 12.79 10.11
C SER A 157 12.76 11.74 10.65
N GLN A 158 12.46 10.71 9.84
CA GLN A 158 11.53 9.66 10.29
C GLN A 158 12.17 8.74 11.33
N LEU A 159 13.50 8.84 11.51
CA LEU A 159 14.19 8.05 12.55
C LEU A 159 14.41 8.87 13.83
N GLN A 160 14.12 10.17 13.82
CA GLN A 160 14.31 11.01 15.00
C GLN A 160 13.53 10.47 16.20
N LYS A 161 12.30 10.01 15.98
CA LYS A 161 11.47 9.55 17.08
C LYS A 161 12.18 8.40 17.81
N ILE A 162 12.78 7.50 17.04
CA ILE A 162 13.46 6.35 17.61
C ILE A 162 14.75 6.81 18.27
N THR A 163 15.56 7.58 17.54
CA THR A 163 16.87 7.91 18.09
C THR A 163 16.75 8.68 19.42
N ASP A 164 15.77 9.57 19.53
CA ASP A 164 15.52 10.33 20.75
C ASP A 164 15.27 9.43 21.97
N THR A 165 14.89 8.16 21.76
CA THR A 165 14.56 7.31 22.91
C THR A 165 15.75 6.49 23.38
N LEU A 166 16.84 6.50 22.63
CA LEU A 166 17.84 5.45 22.83
C LEU A 166 18.61 5.63 24.15
N ASP A 167 18.73 6.86 24.65
CA ASP A 167 19.40 7.08 25.93
C ASP A 167 18.61 6.39 27.04
N SER A 168 17.29 6.59 27.04
CA SER A 168 16.42 6.03 28.07
C SER A 168 16.43 4.49 28.08
N ILE A 169 16.99 3.83 27.04
CA ILE A 169 16.96 2.37 27.01
C ILE A 169 18.37 1.81 26.81
N LYS A 170 19.38 2.47 27.40
N LYS A 170 19.39 2.44 27.40
CA LYS A 170 20.78 2.09 27.21
CA LYS A 170 20.74 2.00 27.09
C LYS A 170 20.97 0.63 27.60
C LYS A 170 20.98 0.58 27.59
N GLU A 171 20.48 0.27 28.79
CA GLU A 171 20.71 -1.04 29.37
C GLU A 171 19.70 -2.06 28.84
N LYS A 172 20.18 -3.31 28.69
CA LYS A 172 19.35 -4.42 28.26
C LYS A 172 18.19 -4.60 29.23
N GLY A 173 16.97 -4.73 28.68
CA GLY A 173 15.78 -4.83 29.51
C GLY A 173 15.00 -3.53 29.68
N LYS A 174 15.65 -2.38 29.53
CA LYS A 174 14.95 -1.11 29.72
C LYS A 174 13.88 -0.98 28.63
N GLN A 175 12.76 -0.35 29.00
CA GLN A 175 11.65 -0.11 28.10
C GLN A 175 10.99 1.22 28.44
N THR A 176 10.40 1.84 27.43
CA THR A 176 9.82 3.18 27.49
C THR A 176 8.57 3.20 26.63
N ARG A 177 7.56 3.92 27.11
CA ARG A 177 6.34 3.99 26.28
C ARG A 177 6.67 4.74 24.99
N PHE A 178 6.02 4.33 23.88
CA PHE A 178 6.40 4.79 22.56
C PHE A 178 5.19 4.62 21.66
N THR A 179 4.48 5.73 21.37
CA THR A 179 3.26 5.59 20.58
C THR A 179 3.17 6.72 19.56
N ASN A 180 2.12 6.70 18.74
CA ASN A 180 2.01 7.65 17.64
C ASN A 180 3.24 7.52 16.73
N PHE A 181 3.49 6.30 16.27
CA PHE A 181 4.65 6.01 15.43
C PHE A 181 4.21 5.68 14.03
N ASP A 182 4.46 6.60 13.09
CA ASP A 182 4.01 6.42 11.71
C ASP A 182 5.05 5.60 10.93
N LEU A 183 5.01 4.27 11.11
CA LEU A 183 5.90 3.33 10.44
C LEU A 183 5.74 3.40 8.92
N LEU A 184 4.53 3.70 8.43
CA LEU A 184 4.33 3.78 6.98
C LEU A 184 5.28 4.81 6.37
N SER A 185 5.47 5.96 7.04
CA SER A 185 6.24 7.06 6.49
C SER A 185 7.73 6.76 6.47
N LEU A 186 8.18 5.75 7.24
CA LEU A 186 9.56 5.29 7.25
C LEU A 186 9.89 4.45 6.03
N LEU A 187 8.90 3.74 5.44
CA LEU A 187 9.16 2.88 4.29
C LEU A 187 9.57 3.71 3.07
N PRO A 188 10.29 3.12 2.10
CA PRO A 188 10.63 3.83 0.85
C PRO A 188 9.37 4.09 0.02
N PRO A 189 9.41 5.03 -0.96
CA PRO A 189 8.21 5.32 -1.77
C PRO A 189 7.80 4.16 -2.69
N SER A 190 8.76 3.30 -3.05
CA SER A 190 8.55 2.16 -3.95
C SER A 190 8.56 0.84 -3.19
N TRP A 191 7.53 0.01 -3.43
CA TRP A 191 7.40 -1.25 -2.72
C TRP A 191 7.72 -2.47 -3.60
N ASP A 192 8.57 -2.30 -4.62
CA ASP A 192 9.04 -3.45 -5.38
C ASP A 192 9.93 -4.32 -4.47
N TYR A 193 9.86 -5.66 -4.64
CA TYR A 193 10.53 -6.53 -3.67
C TYR A 193 11.05 -7.81 -4.30
N TRP A 194 11.90 -8.50 -3.50
CA TRP A 194 12.34 -9.86 -3.71
C TRP A 194 11.76 -10.70 -2.58
N THR A 195 11.50 -11.98 -2.86
CA THR A 195 10.93 -12.86 -1.84
C THR A 195 11.56 -14.26 -1.92
N TYR A 196 11.63 -14.94 -0.76
CA TYR A 196 12.15 -16.30 -0.69
C TYR A 196 11.73 -16.86 0.67
N PRO A 197 11.61 -18.21 0.81
CA PRO A 197 11.30 -18.82 2.10
C PRO A 197 12.55 -18.97 2.97
N GLY A 198 12.45 -18.63 4.27
CA GLY A 198 13.64 -18.61 5.12
C GLY A 198 13.30 -18.73 6.60
N SER A 199 14.09 -18.07 7.44
CA SER A 199 14.08 -18.31 8.87
C SER A 199 14.15 -16.99 9.60
N LEU A 200 13.88 -17.03 10.92
CA LEU A 200 14.40 -16.03 11.82
C LEU A 200 15.90 -15.91 11.59
N THR A 201 16.46 -14.72 11.80
CA THR A 201 17.92 -14.59 11.74
C THR A 201 18.57 -14.52 13.13
N VAL A 202 17.75 -14.70 14.16
CA VAL A 202 18.22 -14.81 15.54
C VAL A 202 17.67 -16.11 16.10
N PRO A 203 18.33 -16.75 17.08
CA PRO A 203 17.72 -17.93 17.72
C PRO A 203 16.34 -17.52 18.21
N PRO A 204 15.29 -18.39 18.14
CA PRO A 204 15.46 -19.79 17.77
C PRO A 204 15.59 -20.22 16.30
N LEU A 205 15.73 -19.26 15.37
CA LEU A 205 16.18 -19.58 14.01
C LEU A 205 15.14 -20.41 13.26
N LEU A 206 13.88 -20.32 13.68
CA LEU A 206 12.78 -21.11 13.12
C LEU A 206 12.57 -20.79 11.64
N GLU A 207 12.31 -21.84 10.84
CA GLU A 207 12.15 -21.71 9.40
C GLU A 207 10.67 -21.51 9.05
N SER A 208 10.13 -20.39 9.50
CA SER A 208 8.70 -20.11 9.40
C SER A 208 8.47 -18.76 8.70
N VAL A 209 9.49 -18.24 8.02
CA VAL A 209 9.43 -16.87 7.54
C VAL A 209 9.34 -16.82 6.02
N THR A 210 8.38 -16.02 5.51
CA THR A 210 8.39 -15.58 4.14
C THR A 210 9.02 -14.20 4.14
N TRP A 211 10.22 -14.11 3.56
CA TRP A 211 10.97 -12.86 3.48
C TRP A 211 10.47 -12.03 2.29
N ILE A 212 10.20 -10.76 2.56
CA ILE A 212 9.89 -9.75 1.55
C ILE A 212 10.94 -8.64 1.70
N VAL A 213 11.90 -8.60 0.77
CA VAL A 213 12.99 -7.62 0.86
C VAL A 213 12.78 -6.52 -0.15
N LEU A 214 12.60 -5.29 0.36
CA LEU A 214 12.38 -4.12 -0.51
C LEU A 214 13.67 -3.76 -1.23
N LYS A 215 13.55 -3.51 -2.53
CA LYS A 215 14.69 -3.14 -3.34
C LYS A 215 15.23 -1.74 -2.97
N GLN A 216 14.33 -0.78 -2.76
CA GLN A 216 14.73 0.62 -2.63
C GLN A 216 15.16 0.91 -1.19
N PRO A 217 16.39 1.39 -0.91
CA PRO A 217 16.79 1.72 0.48
C PRO A 217 16.24 3.07 0.93
N ILE A 218 16.28 3.30 2.25
CA ILE A 218 16.00 4.61 2.84
C ILE A 218 17.32 5.14 3.39
N ASN A 219 17.36 6.45 3.67
N ASN A 219 17.35 6.45 3.69
CA ASN A 219 18.58 7.09 4.12
CA ASN A 219 18.56 7.12 4.14
C ASN A 219 18.69 7.01 5.66
C ASN A 219 18.69 7.05 5.67
N ILE A 220 19.94 7.08 6.14
CA ILE A 220 20.30 7.31 7.54
C ILE A 220 21.63 8.05 7.53
N SER A 221 21.85 8.95 8.50
CA SER A 221 23.15 9.59 8.63
C SER A 221 24.09 8.70 9.43
N SER A 222 25.41 8.93 9.26
CA SER A 222 26.41 8.23 10.04
C SER A 222 26.15 8.48 11.52
N GLN A 223 25.81 9.72 11.86
CA GLN A 223 25.67 10.08 13.27
C GLN A 223 24.44 9.37 13.85
N GLN A 224 23.37 9.22 13.05
CA GLN A 224 22.17 8.51 13.50
C GLN A 224 22.46 7.04 13.78
N LEU A 225 23.18 6.38 12.85
CA LEU A 225 23.52 4.98 12.99
C LEU A 225 24.43 4.75 14.21
N ALA A 226 25.42 5.64 14.42
CA ALA A 226 26.32 5.47 15.56
C ALA A 226 25.54 5.40 16.87
N LYS A 227 24.40 6.10 16.96
CA LYS A 227 23.62 6.11 18.20
C LYS A 227 23.17 4.70 18.58
N PHE A 228 22.88 3.84 17.60
CA PHE A 228 22.43 2.49 17.87
C PHE A 228 23.53 1.67 18.53
N ARG A 229 24.79 1.90 18.15
CA ARG A 229 25.86 1.05 18.64
C ARG A 229 26.15 1.41 20.09
N SER A 230 25.54 2.49 20.58
CA SER A 230 25.66 2.90 21.98
C SER A 230 24.75 2.12 22.91
N LEU A 231 23.86 1.29 22.36
CA LEU A 231 23.06 0.41 23.19
C LEU A 231 23.94 -0.68 23.80
N LEU A 232 23.59 -1.14 25.00
CA LEU A 232 24.31 -2.24 25.66
C LEU A 232 23.65 -3.59 25.36
N CYS A 233 24.49 -4.63 25.26
CA CYS A 233 23.96 -5.98 25.24
C CYS A 233 23.94 -6.57 26.65
N THR A 234 24.15 -5.74 27.66
CA THR A 234 24.17 -6.24 29.01
C THR A 234 23.13 -5.48 29.85
N ALA A 235 22.68 -6.14 30.94
CA ALA A 235 21.70 -5.58 31.88
C ALA A 235 22.37 -4.71 32.96
N GLU A 236 21.52 -3.94 33.66
CA GLU A 236 21.92 -3.11 34.78
C GLU A 236 22.66 -3.96 35.82
N GLY A 237 23.77 -3.41 36.35
CA GLY A 237 24.58 -4.09 37.34
C GLY A 237 25.19 -5.38 36.79
N GLU A 238 25.92 -5.23 35.67
CA GLU A 238 26.56 -6.30 34.91
C GLU A 238 27.61 -5.62 34.04
N ALA A 239 28.78 -6.26 33.86
CA ALA A 239 29.90 -5.69 33.13
C ALA A 239 29.43 -5.22 31.74
N ALA A 240 29.63 -3.93 31.42
CA ALA A 240 29.10 -3.30 30.21
C ALA A 240 29.77 -3.82 28.96
N ALA A 241 28.96 -4.16 27.96
CA ALA A 241 29.46 -4.48 26.62
C ALA A 241 28.51 -3.84 25.61
N PHE A 242 29.03 -3.31 24.50
CA PHE A 242 28.19 -2.48 23.63
C PHE A 242 27.74 -3.33 22.45
N LEU A 243 26.57 -3.00 21.88
CA LEU A 243 26.01 -3.75 20.77
C LEU A 243 26.46 -3.09 19.47
N VAL A 244 27.75 -3.26 19.17
CA VAL A 244 28.37 -2.56 18.06
C VAL A 244 27.95 -3.20 16.76
N SER A 245 27.47 -4.47 16.80
CA SER A 245 27.17 -5.26 15.62
C SER A 245 26.10 -6.31 15.97
N ASN A 246 25.11 -6.54 15.09
CA ASN A 246 24.04 -7.48 15.43
C ASN A 246 23.43 -8.09 14.17
N HIS A 247 24.27 -8.41 13.19
CA HIS A 247 23.81 -9.02 11.94
C HIS A 247 24.43 -10.41 11.79
N ARG A 248 23.64 -11.34 11.24
CA ARG A 248 24.07 -12.70 10.98
C ARG A 248 24.64 -12.76 9.57
N PRO A 249 25.76 -13.50 9.36
CA PRO A 249 26.36 -13.65 8.02
C PRO A 249 25.37 -14.35 7.11
N PRO A 250 25.53 -14.25 5.78
CA PRO A 250 24.58 -14.89 4.87
C PRO A 250 24.72 -16.42 4.91
N GLN A 251 23.62 -17.14 4.60
CA GLN A 251 23.55 -18.59 4.76
C GLN A 251 23.35 -19.22 3.39
N PRO A 252 23.70 -20.51 3.18
CA PRO A 252 23.59 -21.09 1.85
C PRO A 252 22.12 -21.23 1.38
N LEU A 253 21.92 -20.95 0.09
CA LEU A 253 20.61 -20.88 -0.55
C LEU A 253 19.95 -22.27 -0.58
N LYS A 254 20.81 -23.29 -0.79
CA LYS A 254 20.41 -24.69 -0.84
C LYS A 254 19.21 -24.90 -1.76
N GLY A 255 19.21 -24.24 -2.92
CA GLY A 255 18.26 -24.60 -3.98
C GLY A 255 16.90 -23.91 -3.89
N ARG A 256 16.73 -23.00 -2.92
CA ARG A 256 15.53 -22.21 -2.79
C ARG A 256 15.47 -21.22 -3.94
N LYS A 257 14.26 -20.80 -4.30
CA LYS A 257 14.08 -19.89 -5.42
C LYS A 257 13.82 -18.49 -4.87
N VAL A 258 14.65 -17.52 -5.28
CA VAL A 258 14.41 -16.12 -4.94
C VAL A 258 13.62 -15.49 -6.08
N ARG A 259 12.50 -14.85 -5.78
CA ARG A 259 11.68 -14.31 -6.86
C ARG A 259 11.60 -12.79 -6.74
N ALA A 260 11.34 -12.14 -7.88
CA ALA A 260 11.19 -10.70 -7.96
C ALA A 260 9.77 -10.32 -8.40
N SER A 261 9.24 -9.23 -7.81
CA SER A 261 7.90 -8.71 -8.07
C SER A 261 7.91 -7.84 -9.31
N PHE A 262 9.12 -7.58 -9.84
CA PHE A 262 9.32 -6.59 -10.89
C PHE A 262 10.30 -7.13 -11.92
N HIS A 263 10.21 -6.58 -13.14
CA HIS A 263 11.17 -6.81 -14.21
C HIS A 263 11.48 -5.47 -14.88
N LEU B 5 -28.71 25.67 -16.80
CA LEU B 5 -27.74 24.57 -17.10
C LEU B 5 -28.11 23.30 -16.32
N SER B 6 -27.96 23.37 -14.98
CA SER B 6 -27.20 22.38 -14.21
C SER B 6 -27.48 20.90 -14.47
N TRP B 7 -26.37 20.19 -14.69
CA TRP B 7 -26.39 18.85 -15.24
C TRP B 7 -26.64 17.87 -14.10
N GLY B 8 -27.12 16.68 -14.46
CA GLY B 8 -27.18 15.58 -13.50
C GLY B 8 -27.47 14.29 -14.25
N TYR B 9 -28.32 13.42 -13.66
CA TYR B 9 -28.60 12.13 -14.29
C TYR B 9 -30.09 11.91 -14.53
N ARG B 10 -30.90 12.95 -14.31
CA ARG B 10 -32.36 12.90 -14.40
C ARG B 10 -32.73 13.06 -15.88
N GLU B 11 -34.02 13.10 -16.20
CA GLU B 11 -34.47 13.11 -17.59
C GLU B 11 -34.03 14.38 -18.32
N HIS B 12 -34.23 15.54 -17.68
CA HIS B 12 -34.01 16.78 -18.40
C HIS B 12 -32.56 17.27 -18.33
N ASN B 13 -31.70 16.63 -17.50
CA ASN B 13 -30.36 17.17 -17.26
C ASN B 13 -29.30 16.08 -17.40
N GLY B 14 -29.66 14.94 -17.99
CA GLY B 14 -28.84 13.74 -17.89
C GLY B 14 -27.90 13.58 -19.08
N PRO B 15 -27.01 12.55 -19.07
CA PRO B 15 -26.00 12.36 -20.12
C PRO B 15 -26.30 12.73 -21.58
N ILE B 16 -27.47 12.34 -22.12
CA ILE B 16 -27.86 12.68 -23.49
C ILE B 16 -27.83 14.20 -23.70
N HIS B 17 -28.10 14.97 -22.63
CA HIS B 17 -28.28 16.42 -22.75
C HIS B 17 -26.97 17.17 -22.59
N TRP B 18 -25.94 16.51 -22.02
CA TRP B 18 -24.72 17.21 -21.65
C TRP B 18 -24.07 17.94 -22.83
N LYS B 19 -24.19 17.38 -24.04
CA LYS B 19 -23.57 17.89 -25.26
C LYS B 19 -24.06 19.29 -25.60
N GLU B 20 -25.28 19.61 -25.17
CA GLU B 20 -25.89 20.91 -25.47
C GLU B 20 -25.09 22.03 -24.81
N PHE B 21 -24.37 21.70 -23.73
CA PHE B 21 -23.63 22.72 -23.01
C PHE B 21 -22.13 22.42 -22.97
N PHE B 22 -21.74 21.16 -23.23
CA PHE B 22 -20.33 20.76 -23.21
C PHE B 22 -20.03 19.96 -24.48
N PRO B 23 -19.65 20.62 -25.60
CA PRO B 23 -19.60 19.94 -26.90
C PRO B 23 -18.52 18.87 -27.00
N ILE B 24 -17.56 18.91 -26.06
CA ILE B 24 -16.51 17.90 -26.03
C ILE B 24 -17.13 16.53 -25.68
N ALA B 25 -18.41 16.54 -25.26
CA ALA B 25 -19.16 15.30 -25.03
C ALA B 25 -19.07 14.39 -26.23
N ASP B 26 -18.97 14.98 -27.44
CA ASP B 26 -18.89 14.18 -28.65
C ASP B 26 -17.45 14.15 -29.18
N GLY B 27 -16.45 14.36 -28.29
CA GLY B 27 -15.04 14.37 -28.66
C GLY B 27 -14.48 12.98 -29.04
N ASP B 28 -13.16 12.95 -29.29
CA ASP B 28 -12.41 11.82 -29.80
C ASP B 28 -11.78 11.03 -28.67
N GLN B 29 -11.78 11.60 -27.46
CA GLN B 29 -11.15 10.89 -26.35
C GLN B 29 -12.08 10.92 -25.13
N GLN B 30 -13.35 10.51 -25.34
CA GLN B 30 -14.33 10.50 -24.27
C GLN B 30 -14.33 9.17 -23.53
N SER B 31 -14.73 9.24 -22.26
CA SER B 31 -14.78 8.12 -21.34
C SER B 31 -16.19 8.05 -20.77
N PRO B 32 -16.65 6.91 -20.23
CA PRO B 32 -15.89 5.66 -20.24
C PRO B 32 -15.95 4.96 -21.61
N ILE B 33 -15.47 3.71 -21.68
CA ILE B 33 -15.39 2.99 -22.95
C ILE B 33 -15.78 1.53 -22.70
N GLU B 34 -15.94 0.82 -23.81
CA GLU B 34 -16.04 -0.63 -23.83
C GLU B 34 -14.63 -1.18 -24.09
N ILE B 35 -14.26 -2.17 -23.27
CA ILE B 35 -12.97 -2.79 -23.41
C ILE B 35 -13.19 -4.17 -24.01
N LYS B 36 -12.73 -4.35 -25.24
CA LYS B 36 -12.77 -5.61 -25.98
C LYS B 36 -11.42 -6.30 -25.80
N THR B 37 -11.38 -7.28 -24.88
CA THR B 37 -10.10 -7.80 -24.40
C THR B 37 -9.25 -8.41 -25.51
N LYS B 38 -9.86 -8.97 -26.55
CA LYS B 38 -9.02 -9.69 -27.50
C LYS B 38 -8.42 -8.74 -28.53
N GLU B 39 -8.72 -7.44 -28.45
CA GLU B 39 -7.99 -6.51 -29.31
C GLU B 39 -7.03 -5.62 -28.52
N VAL B 40 -6.87 -5.91 -27.22
CA VAL B 40 -5.97 -5.14 -26.38
C VAL B 40 -4.59 -5.79 -26.43
N LYS B 41 -3.55 -4.96 -26.59
CA LYS B 41 -2.18 -5.44 -26.66
C LYS B 41 -1.52 -5.30 -25.29
N TYR B 42 -0.82 -6.35 -24.86
CA TYR B 42 0.11 -6.23 -23.74
C TYR B 42 1.25 -5.30 -24.16
N ASP B 43 1.61 -4.36 -23.29
CA ASP B 43 2.70 -3.42 -23.56
C ASP B 43 3.80 -3.59 -22.51
N SER B 44 4.97 -4.06 -22.96
CA SER B 44 6.05 -4.44 -22.04
C SER B 44 6.83 -3.20 -21.58
N SER B 45 6.54 -2.04 -22.19
CA SER B 45 7.16 -0.80 -21.80
C SER B 45 6.48 -0.17 -20.57
N LEU B 46 5.30 -0.68 -20.17
CA LEU B 46 4.67 -0.21 -18.95
C LEU B 46 5.55 -0.59 -17.76
N ARG B 47 5.78 0.38 -16.86
CA ARG B 47 6.59 0.20 -15.66
C ARG B 47 5.72 -0.37 -14.54
N PRO B 48 6.30 -0.97 -13.47
CA PRO B 48 5.48 -1.45 -12.36
C PRO B 48 4.59 -0.32 -11.83
N LEU B 49 3.34 -0.65 -11.50
CA LEU B 49 2.47 0.41 -11.02
C LEU B 49 2.68 0.52 -9.51
N SER B 50 2.94 1.76 -9.04
CA SER B 50 3.20 2.02 -7.62
C SER B 50 2.04 2.79 -7.01
N ILE B 51 1.42 2.21 -5.96
CA ILE B 51 0.32 2.88 -5.30
C ILE B 51 0.66 2.98 -3.83
N LYS B 52 0.72 4.21 -3.31
CA LYS B 52 1.00 4.42 -1.90
C LYS B 52 -0.06 5.37 -1.37
N TYR B 53 -0.98 4.85 -0.55
CA TYR B 53 -2.01 5.70 0.04
C TYR B 53 -1.91 5.64 1.55
N ASP B 54 -1.87 6.83 2.15
CA ASP B 54 -1.72 7.00 3.58
C ASP B 54 -3.10 7.22 4.19
N PRO B 55 -3.58 6.40 5.15
CA PRO B 55 -4.91 6.64 5.76
C PRO B 55 -5.15 8.01 6.39
N SER B 56 -4.06 8.73 6.72
CA SER B 56 -4.23 10.04 7.35
C SER B 56 -4.49 11.13 6.31
N SER B 57 -4.42 10.80 5.02
CA SER B 57 -4.66 11.79 3.98
C SER B 57 -6.15 12.16 3.86
N ALA B 58 -7.07 11.25 4.22
CA ALA B 58 -8.49 11.50 4.02
C ALA B 58 -8.95 12.59 5.00
N LYS B 59 -9.85 13.48 4.56
CA LYS B 59 -10.30 14.57 5.41
C LYS B 59 -11.80 14.52 5.68
N ILE B 60 -12.58 14.58 4.61
CA ILE B 60 -14.03 14.70 4.70
C ILE B 60 -14.70 13.84 3.64
N ILE B 61 -15.94 13.46 3.96
CA ILE B 61 -16.83 12.90 2.96
C ILE B 61 -18.02 13.83 2.86
N SER B 62 -18.44 14.01 1.62
CA SER B 62 -19.56 14.90 1.38
C SER B 62 -20.45 14.39 0.24
N ASN B 63 -21.68 14.90 0.20
CA ASN B 63 -22.61 14.65 -0.87
C ASN B 63 -22.48 15.78 -1.88
N SER B 64 -21.92 15.44 -3.04
CA SER B 64 -21.70 16.42 -4.07
C SER B 64 -22.99 16.69 -4.86
N GLY B 65 -24.01 15.85 -4.68
CA GLY B 65 -25.22 15.88 -5.48
C GLY B 65 -25.16 14.88 -6.64
N HIS B 66 -23.96 14.36 -6.89
CA HIS B 66 -23.73 13.44 -8.01
C HIS B 66 -23.19 12.10 -7.51
N SER B 67 -22.50 12.09 -6.36
CA SER B 67 -22.06 10.87 -5.71
C SER B 67 -21.67 11.24 -4.30
N PHE B 68 -21.14 10.31 -3.50
CA PHE B 68 -20.36 10.79 -2.37
C PHE B 68 -18.98 11.22 -2.88
N ASN B 69 -18.26 12.02 -2.09
CA ASN B 69 -16.98 12.55 -2.49
C ASN B 69 -16.09 12.47 -1.25
N VAL B 70 -15.09 11.58 -1.24
CA VAL B 70 -14.08 11.66 -0.17
C VAL B 70 -12.97 12.58 -0.65
N ASP B 71 -12.70 13.66 0.10
CA ASP B 71 -11.63 14.57 -0.22
C ASP B 71 -10.38 14.20 0.59
N PHE B 72 -9.22 14.28 -0.08
CA PHE B 72 -7.94 14.03 0.57
C PHE B 72 -7.10 15.31 0.61
N ASP B 73 -6.30 15.44 1.67
CA ASP B 73 -5.25 16.45 1.73
C ASP B 73 -4.28 16.18 0.59
N ASP B 74 -4.21 17.12 -0.38
CA ASP B 74 -3.35 16.94 -1.53
C ASP B 74 -2.28 18.04 -1.58
N THR B 75 -1.54 18.19 -0.46
CA THR B 75 -0.49 19.19 -0.32
C THR B 75 0.88 18.53 -0.22
N GLU B 76 0.88 17.20 -0.02
CA GLU B 76 2.12 16.44 0.10
C GLU B 76 2.05 15.17 -0.73
N ASN B 77 3.17 14.44 -0.77
CA ASN B 77 3.27 13.23 -1.59
C ASN B 77 3.17 11.96 -0.75
N LYS B 78 2.34 12.01 0.31
CA LYS B 78 2.10 10.86 1.17
C LYS B 78 1.15 9.88 0.47
N SER B 79 0.27 10.36 -0.44
CA SER B 79 -0.66 9.47 -1.15
C SER B 79 -0.55 9.74 -2.65
N VAL B 80 0.14 8.83 -3.36
CA VAL B 80 0.56 9.12 -4.73
C VAL B 80 0.47 7.85 -5.56
N LEU B 81 0.22 8.05 -6.86
CA LEU B 81 0.20 7.00 -7.85
C LEU B 81 1.33 7.30 -8.84
N ARG B 82 2.14 6.29 -9.15
CA ARG B 82 3.29 6.48 -10.00
C ARG B 82 3.43 5.21 -10.83
N GLY B 83 4.21 5.30 -11.91
CA GLY B 83 4.56 4.12 -12.68
C GLY B 83 3.46 3.78 -13.68
N GLY B 84 3.40 2.49 -14.06
CA GLY B 84 2.50 2.05 -15.11
C GLY B 84 2.73 2.90 -16.35
N PRO B 85 1.68 3.54 -16.87
CA PRO B 85 1.83 4.41 -18.05
C PRO B 85 2.25 5.85 -17.74
N LEU B 86 2.39 6.18 -16.43
CA LEU B 86 2.47 7.57 -16.00
C LEU B 86 3.90 8.10 -16.05
N THR B 87 4.06 9.38 -16.47
CA THR B 87 5.34 10.09 -16.29
C THR B 87 5.23 11.07 -15.12
N GLY B 88 6.04 10.85 -14.08
CA GLY B 88 5.95 11.63 -12.86
C GLY B 88 4.95 11.11 -11.81
N SER B 89 4.67 11.97 -10.84
CA SER B 89 3.97 11.60 -9.63
C SER B 89 2.55 12.19 -9.66
N TYR B 90 1.53 11.34 -9.44
CA TYR B 90 0.16 11.84 -9.47
C TYR B 90 -0.39 11.78 -8.05
N ARG B 91 -0.80 12.94 -7.54
CA ARG B 91 -1.24 13.06 -6.15
C ARG B 91 -2.73 12.71 -5.99
N LEU B 92 -3.03 11.90 -4.95
CA LEU B 92 -4.40 11.57 -4.64
C LEU B 92 -5.21 12.83 -4.25
N ARG B 93 -6.42 12.94 -4.80
CA ARG B 93 -7.22 14.13 -4.54
C ARG B 93 -8.63 13.75 -4.05
N GLN B 94 -9.26 12.76 -4.71
CA GLN B 94 -10.65 12.43 -4.41
C GLN B 94 -11.06 11.01 -4.85
N VAL B 95 -12.06 10.47 -4.14
CA VAL B 95 -12.67 9.16 -4.39
C VAL B 95 -14.19 9.33 -4.46
N HIS B 96 -14.80 8.67 -5.46
CA HIS B 96 -16.25 8.59 -5.56
C HIS B 96 -16.67 7.26 -6.21
N LEU B 97 -17.98 7.03 -6.30
CA LEU B 97 -18.54 5.79 -6.81
C LEU B 97 -19.60 6.09 -7.86
N HIS B 98 -19.65 5.26 -8.91
CA HIS B 98 -20.80 5.20 -9.80
C HIS B 98 -21.58 3.89 -9.65
N TRP B 99 -22.89 3.98 -9.83
CA TRP B 99 -23.81 2.85 -9.75
C TRP B 99 -24.96 3.15 -10.69
N GLY B 100 -25.83 2.14 -10.83
CA GLY B 100 -27.01 2.19 -11.66
C GLY B 100 -28.26 1.95 -10.83
N SER B 101 -29.42 2.04 -11.47
CA SER B 101 -30.66 1.90 -10.72
C SER B 101 -31.01 0.42 -10.49
N ALA B 102 -30.31 -0.49 -11.19
CA ALA B 102 -30.37 -1.91 -10.87
C ALA B 102 -28.96 -2.49 -10.75
N ASP B 103 -28.85 -3.62 -10.05
CA ASP B 103 -27.57 -4.24 -9.75
C ASP B 103 -26.87 -4.77 -11.02
N ASP B 104 -27.63 -5.05 -12.09
CA ASP B 104 -27.04 -5.74 -13.23
C ASP B 104 -26.29 -4.82 -14.21
N HIS B 105 -26.42 -3.49 -14.06
CA HIS B 105 -25.59 -2.56 -14.82
C HIS B 105 -25.40 -1.20 -14.13
N GLY B 106 -24.21 -0.96 -13.61
CA GLY B 106 -23.93 0.30 -12.94
C GLY B 106 -22.50 0.79 -13.16
N SER B 107 -21.64 -0.07 -13.72
CA SER B 107 -20.28 0.37 -13.95
C SER B 107 -20.22 1.33 -15.15
N GLU B 108 -19.18 2.16 -15.18
CA GLU B 108 -19.04 3.06 -16.32
C GLU B 108 -18.34 2.33 -17.45
N HIS B 109 -17.18 1.74 -17.14
CA HIS B 109 -16.55 0.88 -18.15
C HIS B 109 -17.30 -0.45 -18.25
N ILE B 110 -17.26 -1.07 -19.45
CA ILE B 110 -17.87 -2.37 -19.76
C ILE B 110 -16.82 -3.25 -20.44
N VAL B 111 -16.61 -4.47 -19.92
CA VAL B 111 -15.59 -5.39 -20.36
C VAL B 111 -16.21 -6.58 -21.11
N ASP B 112 -15.95 -6.65 -22.41
CA ASP B 112 -16.49 -7.72 -23.24
C ASP B 112 -18.01 -7.86 -23.07
N GLY B 113 -18.69 -6.72 -22.97
CA GLY B 113 -20.14 -6.65 -22.87
C GLY B 113 -20.65 -6.84 -21.44
N VAL B 114 -19.74 -7.09 -20.50
CA VAL B 114 -20.13 -7.37 -19.12
C VAL B 114 -20.06 -6.09 -18.29
N SER B 115 -21.20 -5.74 -17.69
CA SER B 115 -21.28 -4.62 -16.77
C SER B 115 -21.09 -5.14 -15.35
N TYR B 116 -20.50 -4.33 -14.48
CA TYR B 116 -20.49 -4.62 -13.06
C TYR B 116 -21.57 -3.79 -12.36
N ALA B 117 -21.78 -4.04 -11.07
CA ALA B 117 -22.81 -3.36 -10.32
C ALA B 117 -22.44 -1.90 -10.02
N ALA B 118 -21.14 -1.62 -9.90
CA ALA B 118 -20.67 -0.27 -9.61
C ALA B 118 -19.22 -0.15 -10.01
N GLU B 119 -18.68 1.08 -9.93
CA GLU B 119 -17.27 1.33 -10.22
C GLU B 119 -16.75 2.46 -9.32
N LEU B 120 -15.67 2.19 -8.59
CA LEU B 120 -15.02 3.18 -7.74
C LEU B 120 -13.95 3.89 -8.58
N HIS B 121 -13.93 5.24 -8.53
CA HIS B 121 -12.89 6.04 -9.14
C HIS B 121 -12.05 6.72 -8.08
N VAL B 122 -10.72 6.65 -8.28
CA VAL B 122 -9.73 7.28 -7.42
C VAL B 122 -9.01 8.30 -8.31
N VAL B 123 -9.17 9.58 -7.99
CA VAL B 123 -8.78 10.63 -8.92
C VAL B 123 -7.47 11.26 -8.42
N HIS B 124 -6.49 11.38 -9.32
CA HIS B 124 -5.16 11.91 -8.99
C HIS B 124 -4.80 13.03 -9.94
N TRP B 125 -3.87 13.91 -9.54
CA TRP B 125 -3.42 14.99 -10.43
C TRP B 125 -1.90 15.15 -10.39
N ASN B 126 -1.33 15.55 -11.52
CA ASN B 126 0.11 15.57 -11.75
C ASN B 126 0.72 16.78 -11.03
N SER B 127 1.32 16.53 -9.86
CA SER B 127 1.80 17.64 -9.04
C SER B 127 3.26 17.98 -9.37
N ASP B 128 3.87 17.19 -10.26
CA ASP B 128 5.19 17.48 -10.79
C ASP B 128 5.13 18.60 -11.82
N LYS B 129 3.97 18.86 -12.47
CA LYS B 129 3.88 19.87 -13.53
C LYS B 129 2.89 20.99 -13.25
N TYR B 130 1.89 20.75 -12.38
CA TYR B 130 0.77 21.67 -12.27
C TYR B 130 0.60 22.06 -10.81
N PRO B 131 0.07 23.26 -10.52
CA PRO B 131 -0.07 23.72 -9.14
C PRO B 131 -1.29 23.21 -8.37
N SER B 132 -2.29 22.71 -9.09
CA SER B 132 -3.57 22.42 -8.47
C SER B 132 -4.25 21.36 -9.31
N PHE B 133 -5.23 20.68 -8.69
CA PHE B 133 -6.15 19.84 -9.44
C PHE B 133 -6.77 20.65 -10.59
N VAL B 134 -7.22 21.87 -10.29
CA VAL B 134 -8.00 22.58 -11.28
C VAL B 134 -7.18 22.85 -12.54
N GLU B 135 -5.90 23.19 -12.39
N GLU B 135 -5.91 23.23 -12.34
CA GLU B 135 -5.12 23.51 -13.57
CA GLU B 135 -5.05 23.53 -13.47
C GLU B 135 -4.64 22.25 -14.28
C GLU B 135 -4.75 22.24 -14.24
N ALA B 136 -4.42 21.17 -13.51
CA ALA B 136 -4.08 19.87 -14.09
C ALA B 136 -5.22 19.36 -14.99
N ALA B 137 -6.48 19.60 -14.58
CA ALA B 137 -7.62 19.07 -15.32
C ALA B 137 -7.72 19.63 -16.75
N HIS B 138 -6.93 20.67 -17.09
CA HIS B 138 -7.00 21.28 -18.42
C HIS B 138 -5.84 20.85 -19.33
N GLU B 139 -5.05 19.85 -18.89
CA GLU B 139 -3.91 19.41 -19.67
C GLU B 139 -3.99 17.90 -19.94
N PRO B 140 -3.57 17.43 -21.14
CA PRO B 140 -3.64 16.02 -21.50
C PRO B 140 -2.97 15.08 -20.50
N ASP B 141 -1.87 15.55 -19.89
CA ASP B 141 -1.16 14.72 -18.93
C ASP B 141 -1.55 15.13 -17.52
N GLY B 142 -2.71 15.78 -17.35
CA GLY B 142 -3.05 16.39 -16.07
C GLY B 142 -3.49 15.38 -14.99
N LEU B 143 -4.32 14.41 -15.39
CA LEU B 143 -5.03 13.63 -14.38
C LEU B 143 -4.85 12.13 -14.65
N ALA B 144 -4.94 11.34 -13.58
CA ALA B 144 -4.90 9.89 -13.63
C ALA B 144 -6.03 9.38 -12.74
N VAL B 145 -6.85 8.51 -13.32
CA VAL B 145 -7.98 7.96 -12.58
C VAL B 145 -7.85 6.44 -12.58
N LEU B 146 -7.86 5.91 -11.35
CA LEU B 146 -7.85 4.48 -11.15
C LEU B 146 -9.32 4.05 -11.02
N GLY B 147 -9.71 3.03 -11.78
CA GLY B 147 -11.06 2.45 -11.72
C GLY B 147 -11.03 1.02 -11.15
N VAL B 148 -11.94 0.74 -10.23
CA VAL B 148 -12.12 -0.56 -9.62
C VAL B 148 -13.59 -0.95 -9.80
N PHE B 149 -13.84 -2.13 -10.37
CA PHE B 149 -15.20 -2.60 -10.52
C PHE B 149 -15.68 -3.27 -9.25
N LEU B 150 -16.97 -3.14 -8.95
CA LEU B 150 -17.58 -3.86 -7.84
C LEU B 150 -18.61 -4.82 -8.43
N GLN B 151 -18.52 -6.10 -8.04
CA GLN B 151 -19.48 -7.09 -8.50
C GLN B 151 -20.33 -7.48 -7.29
N ILE B 152 -21.59 -7.88 -7.55
CA ILE B 152 -22.47 -8.34 -6.47
C ILE B 152 -21.87 -9.61 -5.87
N GLY B 153 -21.81 -9.66 -4.55
CA GLY B 153 -21.25 -10.84 -3.90
C GLY B 153 -21.55 -10.73 -2.41
N GLU B 154 -20.80 -11.47 -1.60
CA GLU B 154 -21.03 -11.33 -0.18
C GLU B 154 -20.62 -9.93 0.25
N PRO B 155 -21.20 -9.35 1.33
CA PRO B 155 -20.85 -7.99 1.74
C PRO B 155 -19.37 -7.73 2.01
N ASN B 156 -18.93 -6.51 1.65
CA ASN B 156 -17.53 -6.10 1.72
C ASN B 156 -17.33 -5.30 3.01
N SER B 157 -16.63 -5.87 3.97
CA SER B 157 -16.51 -5.16 5.23
C SER B 157 -15.69 -3.87 5.08
N GLN B 158 -14.98 -3.74 3.96
CA GLN B 158 -14.17 -2.54 3.77
C GLN B 158 -14.98 -1.34 3.29
N LEU B 159 -16.28 -1.52 3.04
CA LEU B 159 -17.13 -0.41 2.62
C LEU B 159 -17.90 0.13 3.82
N GLN B 160 -17.73 -0.49 4.99
CA GLN B 160 -18.49 -0.05 6.16
C GLN B 160 -18.19 1.41 6.54
N LYS B 161 -16.91 1.83 6.47
CA LYS B 161 -16.57 3.19 6.86
C LYS B 161 -17.36 4.21 6.04
N ILE B 162 -17.54 3.92 4.75
CA ILE B 162 -18.34 4.77 3.88
C ILE B 162 -19.84 4.64 4.16
N THR B 163 -20.36 3.40 4.24
CA THR B 163 -21.82 3.20 4.31
C THR B 163 -22.37 3.80 5.61
N ASP B 164 -21.55 3.76 6.66
CA ASP B 164 -21.91 4.29 7.98
C ASP B 164 -22.12 5.81 7.95
N THR B 165 -21.59 6.51 6.93
CA THR B 165 -21.71 7.96 6.90
C THR B 165 -22.88 8.43 6.03
N LEU B 166 -23.53 7.53 5.28
CA LEU B 166 -24.45 7.98 4.24
C LEU B 166 -25.69 8.66 4.83
N ASP B 167 -26.08 8.25 6.05
CA ASP B 167 -27.21 8.88 6.74
C ASP B 167 -26.92 10.36 7.02
N SER B 168 -25.69 10.66 7.48
CA SER B 168 -25.32 12.03 7.77
C SER B 168 -25.10 12.92 6.52
N ILE B 169 -24.96 12.33 5.32
CA ILE B 169 -24.77 13.16 4.13
C ILE B 169 -25.90 12.96 3.10
N LYS B 170 -27.12 12.73 3.60
CA LYS B 170 -28.20 12.35 2.69
C LYS B 170 -28.45 13.45 1.65
N GLU B 171 -28.40 14.72 2.10
CA GLU B 171 -28.71 15.85 1.24
C GLU B 171 -27.43 16.40 0.60
N LYS B 172 -27.56 16.86 -0.65
CA LYS B 172 -26.49 17.53 -1.37
C LYS B 172 -25.90 18.68 -0.53
N GLY B 173 -24.56 18.71 -0.42
CA GLY B 173 -23.82 19.75 0.26
C GLY B 173 -23.47 19.39 1.71
N LYS B 174 -24.08 18.32 2.25
CA LYS B 174 -23.74 17.89 3.59
C LYS B 174 -22.36 17.21 3.58
N GLN B 175 -21.65 17.32 4.71
CA GLN B 175 -20.32 16.73 4.81
C GLN B 175 -20.10 16.22 6.23
N THR B 176 -19.21 15.23 6.38
CA THR B 176 -18.73 14.88 7.71
C THR B 176 -17.24 14.57 7.73
N ARG B 177 -16.68 14.60 8.95
CA ARG B 177 -15.28 14.24 9.15
C ARG B 177 -15.10 12.84 8.58
N PHE B 178 -13.99 12.61 7.87
CA PHE B 178 -13.72 11.27 7.37
C PHE B 178 -12.22 11.04 7.35
N THR B 179 -11.61 10.38 8.36
CA THR B 179 -10.18 10.18 8.21
C THR B 179 -9.79 8.79 8.68
N ASN B 180 -8.48 8.48 8.60
CA ASN B 180 -8.00 7.13 8.83
C ASN B 180 -8.76 6.16 7.93
N PHE B 181 -8.76 6.49 6.64
CA PHE B 181 -9.45 5.68 5.64
C PHE B 181 -8.43 4.82 4.91
N ASP B 182 -8.63 3.48 4.98
CA ASP B 182 -7.76 2.46 4.43
C ASP B 182 -8.16 2.24 2.98
N LEU B 183 -7.83 3.22 2.14
CA LEU B 183 -8.23 3.16 0.74
C LEU B 183 -7.55 1.98 0.02
N LEU B 184 -6.32 1.61 0.40
CA LEU B 184 -5.73 0.45 -0.27
C LEU B 184 -6.59 -0.81 -0.10
N SER B 185 -7.32 -0.94 1.02
CA SER B 185 -8.09 -2.15 1.24
C SER B 185 -9.28 -2.32 0.28
N LEU B 186 -9.61 -1.27 -0.50
CA LEU B 186 -10.64 -1.36 -1.52
C LEU B 186 -10.04 -1.67 -2.88
N LEU B 187 -8.75 -2.00 -2.92
CA LEU B 187 -8.22 -2.46 -4.19
C LEU B 187 -8.25 -3.98 -4.18
N PRO B 188 -8.38 -4.63 -5.35
CA PRO B 188 -8.37 -6.10 -5.44
C PRO B 188 -6.93 -6.58 -5.21
N PRO B 189 -6.71 -7.88 -4.91
CA PRO B 189 -5.34 -8.40 -4.75
C PRO B 189 -4.40 -8.22 -5.95
N SER B 190 -4.92 -8.38 -7.18
CA SER B 190 -4.10 -8.15 -8.37
C SER B 190 -4.38 -6.76 -8.91
N TRP B 191 -3.30 -6.06 -9.27
CA TRP B 191 -3.41 -4.76 -9.90
C TRP B 191 -3.18 -4.82 -11.42
N ASP B 192 -3.37 -5.98 -12.04
CA ASP B 192 -3.31 -5.97 -13.50
C ASP B 192 -4.45 -5.10 -14.04
N TYR B 193 -4.18 -4.40 -15.14
CA TYR B 193 -5.02 -3.27 -15.51
C TYR B 193 -4.94 -3.03 -17.00
N TRP B 194 -5.96 -2.31 -17.52
CA TRP B 194 -5.97 -1.73 -18.85
C TRP B 194 -5.79 -0.22 -18.75
N THR B 195 -5.15 0.39 -19.75
CA THR B 195 -4.94 1.83 -19.65
C THR B 195 -5.23 2.44 -21.01
N TYR B 196 -5.83 3.64 -21.02
CA TYR B 196 -6.07 4.30 -22.30
C TYR B 196 -6.22 5.79 -22.00
N PRO B 197 -6.06 6.67 -23.01
CA PRO B 197 -6.32 8.10 -22.83
C PRO B 197 -7.79 8.49 -22.95
N GLY B 198 -8.27 9.29 -22.00
CA GLY B 198 -9.69 9.57 -21.98
C GLY B 198 -10.03 10.88 -21.27
N SER B 199 -11.20 10.90 -20.63
CA SER B 199 -11.78 12.13 -20.11
C SER B 199 -12.34 11.94 -18.71
N LEU B 200 -12.69 13.05 -18.08
CA LEU B 200 -13.70 13.03 -17.01
C LEU B 200 -14.99 12.41 -17.58
N THR B 201 -15.76 11.70 -16.75
CA THR B 201 -17.02 11.14 -17.23
C THR B 201 -18.22 11.98 -16.78
N VAL B 202 -17.95 13.16 -16.21
CA VAL B 202 -18.93 14.17 -15.83
C VAL B 202 -18.53 15.48 -16.46
N PRO B 203 -19.51 16.38 -16.72
CA PRO B 203 -19.18 17.76 -17.10
C PRO B 203 -18.14 18.34 -16.14
N PRO B 204 -17.09 19.06 -16.62
CA PRO B 204 -16.95 19.46 -18.03
C PRO B 204 -16.36 18.48 -19.07
N LEU B 205 -16.15 17.20 -18.70
CA LEU B 205 -15.84 16.16 -19.68
C LEU B 205 -14.47 16.36 -20.35
N LEU B 206 -13.51 16.97 -19.63
CA LEU B 206 -12.22 17.37 -20.19
C LEU B 206 -11.35 16.16 -20.53
N GLU B 207 -10.65 16.24 -21.67
CA GLU B 207 -9.81 15.13 -22.15
C GLU B 207 -8.40 15.23 -21.55
N SER B 208 -8.30 14.95 -20.24
CA SER B 208 -7.10 15.17 -19.45
C SER B 208 -6.68 13.92 -18.65
N VAL B 209 -7.34 12.77 -18.86
CA VAL B 209 -7.26 11.64 -17.95
C VAL B 209 -6.48 10.49 -18.60
N THR B 210 -5.48 9.98 -17.90
CA THR B 210 -4.96 8.65 -18.15
C THR B 210 -5.74 7.67 -17.28
N TRP B 211 -6.55 6.81 -17.91
CA TRP B 211 -7.34 5.79 -17.21
C TRP B 211 -6.50 4.54 -16.91
N ILE B 212 -6.60 4.06 -15.68
CA ILE B 212 -6.02 2.81 -15.24
C ILE B 212 -7.18 2.02 -14.64
N VAL B 213 -7.66 1.06 -15.42
CA VAL B 213 -8.82 0.29 -15.00
C VAL B 213 -8.36 -1.11 -14.57
N LEU B 214 -8.65 -1.49 -13.32
CA LEU B 214 -8.18 -2.78 -12.82
C LEU B 214 -9.11 -3.89 -13.30
N LYS B 215 -8.50 -5.02 -13.71
CA LYS B 215 -9.25 -6.15 -14.22
C LYS B 215 -10.07 -6.82 -13.12
N GLN B 216 -9.49 -6.98 -11.94
CA GLN B 216 -10.12 -7.82 -10.93
C GLN B 216 -11.10 -6.99 -10.09
N PRO B 217 -12.38 -7.40 -10.06
CA PRO B 217 -13.40 -6.72 -9.25
C PRO B 217 -13.27 -6.96 -7.76
N ILE B 218 -13.88 -6.06 -6.97
CA ILE B 218 -14.08 -6.34 -5.56
C ILE B 218 -15.57 -6.62 -5.34
N ASN B 219 -15.95 -7.05 -4.12
CA ASN B 219 -17.33 -7.42 -3.87
C ASN B 219 -18.09 -6.25 -3.23
N ILE B 220 -19.41 -6.20 -3.50
CA ILE B 220 -20.37 -5.40 -2.72
C ILE B 220 -21.69 -6.20 -2.67
N SER B 221 -22.43 -6.12 -1.56
CA SER B 221 -23.72 -6.80 -1.53
C SER B 221 -24.81 -5.88 -2.11
N SER B 222 -25.92 -6.47 -2.55
N SER B 222 -25.93 -6.48 -2.53
CA SER B 222 -27.07 -5.71 -3.03
CA SER B 222 -27.09 -5.77 -3.03
C SER B 222 -27.53 -4.73 -1.95
C SER B 222 -27.61 -4.78 -1.98
N GLN B 223 -27.55 -5.20 -0.70
CA GLN B 223 -28.00 -4.34 0.40
C GLN B 223 -27.04 -3.16 0.58
N GLN B 224 -25.70 -3.40 0.52
CA GLN B 224 -24.78 -2.29 0.66
C GLN B 224 -25.02 -1.27 -0.46
N LEU B 225 -25.16 -1.79 -1.67
CA LEU B 225 -25.25 -0.90 -2.82
C LEU B 225 -26.55 -0.09 -2.80
N ALA B 226 -27.66 -0.69 -2.36
CA ALA B 226 -28.94 0.03 -2.28
C ALA B 226 -28.85 1.25 -1.35
N LYS B 227 -27.98 1.19 -0.33
CA LYS B 227 -27.84 2.34 0.55
C LYS B 227 -27.37 3.59 -0.22
N PHE B 228 -26.65 3.42 -1.34
CA PHE B 228 -26.11 4.58 -2.06
C PHE B 228 -27.22 5.26 -2.83
N ARG B 229 -28.23 4.47 -3.19
CA ARG B 229 -29.31 5.01 -4.04
C ARG B 229 -30.27 5.88 -3.23
N SER B 230 -30.14 5.83 -1.91
CA SER B 230 -30.96 6.69 -1.05
C SER B 230 -30.35 8.08 -0.78
N LEU B 231 -29.15 8.36 -1.31
CA LEU B 231 -28.60 9.72 -1.30
C LEU B 231 -29.48 10.57 -2.22
N LEU B 232 -29.61 11.87 -1.89
CA LEU B 232 -30.38 12.79 -2.73
C LEU B 232 -29.46 13.61 -3.61
N CYS B 233 -29.99 13.97 -4.79
CA CYS B 233 -29.28 14.90 -5.67
C CYS B 233 -29.74 16.33 -5.40
N THR B 234 -30.44 16.54 -4.27
CA THR B 234 -31.12 17.79 -3.97
C THR B 234 -30.68 18.30 -2.59
N ALA B 235 -30.64 19.62 -2.46
CA ALA B 235 -30.23 20.27 -1.22
C ALA B 235 -31.37 20.27 -0.20
N GLU B 236 -31.03 20.45 1.08
CA GLU B 236 -31.99 20.70 2.14
C GLU B 236 -32.84 21.91 1.80
N GLY B 237 -34.18 21.73 1.89
CA GLY B 237 -35.13 22.76 1.51
C GLY B 237 -35.79 22.49 0.16
N GLU B 238 -35.11 21.69 -0.67
CA GLU B 238 -35.57 21.46 -2.04
C GLU B 238 -36.40 20.18 -2.10
N ALA B 239 -37.32 20.15 -3.07
CA ALA B 239 -38.09 18.97 -3.45
C ALA B 239 -37.15 17.79 -3.71
N ALA B 240 -37.30 16.73 -2.93
CA ALA B 240 -36.35 15.63 -2.90
C ALA B 240 -36.36 14.84 -4.21
N ALA B 241 -35.17 14.60 -4.75
CA ALA B 241 -34.97 13.58 -5.77
C ALA B 241 -33.75 12.73 -5.42
N PHE B 242 -33.83 11.44 -5.75
CA PHE B 242 -32.87 10.43 -5.29
C PHE B 242 -31.82 10.18 -6.35
N LEU B 243 -30.60 9.84 -5.91
CA LEU B 243 -29.51 9.53 -6.84
C LEU B 243 -29.51 8.01 -7.12
N VAL B 244 -30.49 7.54 -7.90
CA VAL B 244 -30.65 6.10 -8.11
C VAL B 244 -29.62 5.64 -9.13
N SER B 245 -29.05 6.57 -9.90
CA SER B 245 -28.11 6.21 -10.96
C SER B 245 -27.20 7.39 -11.26
N ASN B 246 -25.89 7.16 -11.44
CA ASN B 246 -24.98 8.25 -11.74
C ASN B 246 -23.85 7.78 -12.66
N HIS B 247 -24.16 6.93 -13.64
CA HIS B 247 -23.10 6.50 -14.55
C HIS B 247 -23.41 7.02 -15.95
N ARG B 248 -22.36 7.30 -16.69
CA ARG B 248 -22.45 7.72 -18.08
C ARG B 248 -22.23 6.51 -18.98
N PRO B 249 -22.99 6.34 -20.09
CA PRO B 249 -22.82 5.19 -20.98
C PRO B 249 -21.46 5.27 -21.65
N PRO B 250 -20.84 4.13 -22.02
CA PRO B 250 -19.58 4.14 -22.78
C PRO B 250 -19.70 4.93 -24.08
N GLN B 251 -18.57 5.52 -24.48
CA GLN B 251 -18.41 6.38 -25.64
C GLN B 251 -17.49 5.68 -26.63
N PRO B 252 -17.51 6.02 -27.93
CA PRO B 252 -16.74 5.29 -28.94
C PRO B 252 -15.23 5.51 -28.80
N LEU B 253 -14.44 4.47 -29.08
CA LEU B 253 -12.99 4.53 -28.99
C LEU B 253 -12.42 5.52 -30.02
N LYS B 254 -13.01 5.54 -31.21
CA LYS B 254 -12.56 6.51 -32.20
C LYS B 254 -11.04 6.44 -32.45
N GLY B 255 -10.49 5.22 -32.47
CA GLY B 255 -9.13 5.03 -32.98
C GLY B 255 -8.14 4.84 -31.83
N ARG B 256 -8.61 5.04 -30.59
CA ARG B 256 -7.68 4.94 -29.46
C ARG B 256 -7.33 3.48 -29.21
N LYS B 257 -6.17 3.23 -28.59
CA LYS B 257 -5.74 1.87 -28.31
C LYS B 257 -5.68 1.66 -26.81
N VAL B 258 -6.24 0.53 -26.38
CA VAL B 258 -6.25 0.19 -24.97
C VAL B 258 -5.08 -0.76 -24.78
N ARG B 259 -4.25 -0.58 -23.73
CA ARG B 259 -3.11 -1.47 -23.55
C ARG B 259 -3.29 -2.21 -22.23
N ALA B 260 -2.65 -3.37 -22.11
CA ALA B 260 -2.74 -4.21 -20.93
C ALA B 260 -1.36 -4.30 -20.26
N SER B 261 -1.37 -4.31 -18.93
CA SER B 261 -0.18 -4.45 -18.12
C SER B 261 0.20 -5.93 -18.01
N PHE B 262 -0.65 -6.81 -18.53
CA PHE B 262 -0.49 -8.23 -18.26
C PHE B 262 -0.71 -8.98 -19.56
N HIS B 263 -0.17 -10.20 -19.59
CA HIS B 263 -0.57 -11.19 -20.58
C HIS B 263 -0.87 -12.51 -19.84
#